data_8HYK
#
_entry.id   8HYK
#
_cell.length_a   41.418
_cell.length_b   56.940
_cell.length_c   64.812
_cell.angle_alpha   90.000
_cell.angle_beta   97.019
_cell.angle_gamma   90.000
#
_symmetry.space_group_name_H-M   'P 1 21 1'
#
loop_
_entity.id
_entity.type
_entity.pdbx_description
1 polymer EfCdnE
2 non-polymer '[[(2R,3R,4R,5R)-5-[2,4-bis(oxidanylidene)pyrimidin-1-yl]-3-oxidanyl-4-phosphonooxy-oxolan-2-yl]methoxy-oxidanyl-phosphoryl] phosphono hydrogen phosphate'
3 non-polymer 'MAGNESIUM ION'
4 water water
#
_entity_poly.entity_id   1
_entity_poly.type   'polypeptide(L)'
_entity_poly.pdbx_seq_one_letter_code
;MSKFSESTLSGWTKPASVTEEDRIENTISMIKSAIKNDNNFDNLVYEVFVQGSYGNNTNVRTNSDIDVNIMLTSTFYSKY
PEGKTNSDYGFTDGTITYNEYKNLILTALTNKFGTGNVTVGNKSIKITSNSYRVEADCIPSLLYRNYEYENSSSPNNYIE
GIKYFASDNTSVVNYPKVHINNGIEKNNQTHKNYKRLVRVIKRLRNKMTAENHFTNENITSFLIECLIWNVPNNYINDYD
TWDETIKQTLIFIKSSINDNSYKNWTEVSGMFYLFHNNRKWTSDDVSSFVNSLWSFMEYLEHHHHHH
;
_entity_poly.pdbx_strand_id   A
#
loop_
_chem_comp.id
_chem_comp.type
_chem_comp.name
_chem_comp.formula
MG non-polymer 'MAGNESIUM ION' 'Mg 2'
NE0 non-polymer '[[(2R,3R,4R,5R)-5-[2,4-bis(oxidanylidene)pyrimidin-1-yl]-3-oxidanyl-4-phosphonooxy-oxolan-2-yl]methoxy-oxidanyl-phosphoryl] phosphono hydrogen phosphate' 'C9 H16 N2 O18 P4'
#
# COMPACT_ATOMS: atom_id res chain seq x y z
N SER A 2 4.29 0.02 29.35
CA SER A 2 3.21 -0.80 28.77
C SER A 2 3.16 -2.18 29.45
N LYS A 3 2.14 -2.96 29.16
CA LYS A 3 2.02 -4.34 29.69
C LYS A 3 3.02 -5.26 28.97
N PHE A 4 3.67 -4.83 27.89
CA PHE A 4 4.57 -5.68 27.06
C PHE A 4 6.03 -5.34 27.32
N SER A 5 6.89 -6.34 27.21
CA SER A 5 8.37 -6.20 27.37
C SER A 5 8.99 -5.67 26.07
N GLU A 6 10.16 -5.04 26.18
CA GLU A 6 10.95 -4.59 25.00
C GLU A 6 11.20 -5.77 24.08
N SER A 7 11.53 -6.93 24.62
CA SER A 7 11.76 -8.13 23.80
C SER A 7 10.50 -8.50 22.99
N THR A 8 9.34 -8.45 23.64
CA THR A 8 8.05 -8.78 22.98
C THR A 8 7.79 -7.75 21.88
N LEU A 9 7.94 -6.47 22.18
CA LEU A 9 7.62 -5.41 21.20
C LEU A 9 8.59 -5.52 20.03
N SER A 10 9.87 -5.72 20.29
CA SER A 10 10.89 -5.80 19.23
C SER A 10 10.56 -6.99 18.32
N GLY A 11 10.13 -8.12 18.89
CA GLY A 11 9.72 -9.30 18.09
C GLY A 11 8.60 -8.91 17.12
N TRP A 12 7.67 -8.07 17.56
CA TRP A 12 6.53 -7.65 16.71
C TRP A 12 6.94 -6.58 15.67
N THR A 13 8.17 -6.08 15.69
CA THR A 13 8.69 -5.15 14.65
C THR A 13 9.36 -5.93 13.52
N LYS A 14 9.58 -7.23 13.67
CA LYS A 14 10.38 -8.00 12.68
C LYS A 14 9.64 -8.06 11.35
N PRO A 15 10.36 -8.04 10.21
CA PRO A 15 9.73 -8.37 8.94
C PRO A 15 9.10 -9.77 9.06
N ALA A 16 8.00 -10.02 8.34
CA ALA A 16 7.44 -11.37 8.11
C ALA A 16 8.55 -12.28 7.57
N SER A 17 8.73 -13.47 8.18
CA SER A 17 9.55 -14.59 7.63
C SER A 17 9.19 -14.79 6.17
N VAL A 18 10.19 -15.12 5.33
CA VAL A 18 9.94 -15.60 3.94
C VAL A 18 10.14 -17.12 3.95
N THR A 19 9.07 -17.89 3.75
CA THR A 19 9.09 -19.38 3.79
C THR A 19 9.73 -19.92 2.51
N GLU A 20 9.72 -19.14 1.42
CA GLU A 20 10.58 -19.34 0.22
C GLU A 20 11.49 -18.12 0.05
N GLU A 21 12.80 -18.34 -0.15
CA GLU A 21 13.83 -17.26 -0.29
C GLU A 21 13.57 -16.48 -1.59
N ASP A 22 12.92 -17.10 -2.57
CA ASP A 22 12.78 -16.56 -3.95
C ASP A 22 11.28 -16.33 -4.29
N ARG A 23 10.43 -16.07 -3.28
CA ARG A 23 8.94 -16.00 -3.48
C ARG A 23 8.58 -14.82 -4.41
N ILE A 24 9.08 -13.63 -4.11
CA ILE A 24 8.81 -12.41 -4.92
C ILE A 24 9.43 -12.63 -6.30
N GLU A 25 10.70 -13.06 -6.32
CA GLU A 25 11.48 -13.35 -7.55
C GLU A 25 10.67 -14.28 -8.47
N ASN A 26 10.27 -15.45 -7.96
CA ASN A 26 9.51 -16.49 -8.71
C ASN A 26 8.16 -15.91 -9.15
N THR A 27 7.50 -15.11 -8.29
CA THR A 27 6.12 -14.60 -8.54
C THR A 27 6.19 -13.64 -9.71
N ILE A 28 7.12 -12.70 -9.67
CA ILE A 28 7.36 -11.75 -10.79
C ILE A 28 7.67 -12.59 -12.03
N SER A 29 8.60 -13.55 -11.92
CA SER A 29 9.09 -14.36 -13.07
C SER A 29 7.93 -15.04 -13.78
N MET A 30 7.11 -15.74 -13.01
CA MET A 30 6.02 -16.59 -13.53
C MET A 30 4.97 -15.71 -14.20
N ILE A 31 4.66 -14.57 -13.60
CA ILE A 31 3.68 -13.63 -14.22
C ILE A 31 4.30 -13.03 -15.49
N LYS A 32 5.56 -12.57 -15.45
CA LYS A 32 6.25 -11.98 -16.64
C LYS A 32 6.28 -13.02 -17.74
N SER A 33 6.53 -14.27 -17.39
CA SER A 33 6.60 -15.40 -18.34
C SER A 33 5.25 -15.52 -19.06
N ALA A 34 4.15 -15.43 -18.33
CA ALA A 34 2.77 -15.55 -18.86
C ALA A 34 2.54 -14.49 -19.94
N ILE A 35 3.00 -13.27 -19.69
CA ILE A 35 2.75 -12.13 -20.62
C ILE A 35 3.71 -12.24 -21.82
N LYS A 36 5.01 -12.49 -21.59
CA LYS A 36 6.01 -12.39 -22.69
C LYS A 36 5.76 -13.50 -23.71
N ASN A 37 5.23 -14.66 -23.27
CA ASN A 37 4.95 -15.80 -24.16
C ASN A 37 3.65 -15.57 -24.93
N ASP A 38 2.89 -14.54 -24.60
CA ASP A 38 1.60 -14.19 -25.26
C ASP A 38 1.89 -13.20 -26.37
N ASN A 39 1.72 -13.62 -27.63
CA ASN A 39 2.00 -12.82 -28.86
C ASN A 39 1.18 -11.54 -28.86
N ASN A 40 0.01 -11.51 -28.22
CA ASN A 40 -0.85 -10.31 -28.17
C ASN A 40 -0.20 -9.19 -27.33
N PHE A 41 0.87 -9.46 -26.59
CA PHE A 41 1.62 -8.40 -25.87
C PHE A 41 2.91 -8.04 -26.61
N ASP A 42 3.16 -8.63 -27.78
CA ASP A 42 4.41 -8.39 -28.55
C ASP A 42 4.63 -6.89 -28.78
N ASN A 43 3.57 -6.13 -29.11
CA ASN A 43 3.74 -4.70 -29.47
C ASN A 43 3.46 -3.78 -28.28
N LEU A 44 3.32 -4.31 -27.06
CA LEU A 44 2.97 -3.49 -25.86
C LEU A 44 4.19 -3.37 -24.96
N VAL A 45 4.29 -2.22 -24.30
CA VAL A 45 5.31 -1.94 -23.27
C VAL A 45 4.58 -1.90 -21.93
N TYR A 46 5.08 -2.64 -20.97
CA TYR A 46 4.40 -2.94 -19.71
C TYR A 46 5.47 -3.21 -18.67
N GLU A 47 5.13 -3.08 -17.41
CA GLU A 47 6.05 -3.40 -16.30
C GLU A 47 5.27 -4.27 -15.32
N VAL A 48 5.93 -5.30 -14.78
CA VAL A 48 5.40 -6.16 -13.70
C VAL A 48 6.19 -5.84 -12.45
N PHE A 49 5.54 -5.30 -11.43
CA PHE A 49 6.24 -4.87 -10.18
C PHE A 49 5.34 -5.11 -8.97
N VAL A 50 5.98 -5.23 -7.81
CA VAL A 50 5.34 -5.52 -6.51
C VAL A 50 4.93 -4.21 -5.86
N GLN A 51 3.69 -4.11 -5.40
CA GLN A 51 3.23 -2.93 -4.66
C GLN A 51 2.66 -3.39 -3.32
N GLY A 52 1.88 -2.54 -2.66
CA GLY A 52 1.25 -2.85 -1.36
C GLY A 52 2.30 -3.24 -0.32
N SER A 53 1.91 -4.01 0.68
CA SER A 53 2.75 -4.30 1.87
C SER A 53 4.03 -5.02 1.46
N TYR A 54 4.00 -5.93 0.48
CA TYR A 54 5.22 -6.66 0.07
C TYR A 54 6.17 -5.68 -0.60
N GLY A 55 5.64 -4.77 -1.41
CA GLY A 55 6.47 -3.76 -2.07
C GLY A 55 7.15 -2.82 -1.09
N ASN A 56 6.50 -2.53 0.02
CA ASN A 56 6.97 -1.59 1.05
C ASN A 56 7.68 -2.31 2.19
N ASN A 57 7.79 -3.65 2.15
CA ASN A 57 8.33 -4.50 3.25
C ASN A 57 7.64 -4.12 4.57
N THR A 58 6.34 -3.89 4.55
CA THR A 58 5.51 -3.63 5.75
C THR A 58 4.49 -4.74 5.97
N ASN A 59 4.55 -5.86 5.24
CA ASN A 59 3.70 -7.05 5.54
C ASN A 59 4.18 -7.73 6.83
N VAL A 60 3.23 -8.17 7.64
CA VAL A 60 3.48 -8.75 8.97
C VAL A 60 3.12 -10.25 8.95
N ARG A 61 2.53 -10.75 7.86
CA ARG A 61 2.04 -12.15 7.78
C ARG A 61 2.59 -12.77 6.50
N THR A 62 3.38 -13.83 6.65
CA THR A 62 3.94 -14.64 5.54
C THR A 62 2.80 -15.14 4.65
N ASN A 63 1.66 -15.50 5.23
CA ASN A 63 0.52 -16.11 4.53
C ASN A 63 -0.19 -15.08 3.61
N SER A 64 0.13 -13.79 3.66
CA SER A 64 -0.72 -12.75 2.99
C SER A 64 -0.43 -12.74 1.49
N ASP A 65 -1.34 -12.16 0.71
CA ASP A 65 -1.26 -12.07 -0.78
C ASP A 65 -0.20 -11.04 -1.18
N ILE A 66 0.63 -11.37 -2.18
CA ILE A 66 1.56 -10.43 -2.85
C ILE A 66 0.76 -9.59 -3.86
N ASP A 67 0.87 -8.26 -3.78
CA ASP A 67 0.17 -7.36 -4.75
C ASP A 67 1.10 -7.14 -5.93
N VAL A 68 0.75 -7.66 -7.12
CA VAL A 68 1.59 -7.54 -8.34
C VAL A 68 0.82 -6.69 -9.37
N ASN A 69 1.39 -5.55 -9.71
CA ASN A 69 0.86 -4.63 -10.73
C ASN A 69 1.42 -5.08 -12.07
N ILE A 70 0.57 -5.29 -13.05
CA ILE A 70 0.97 -5.39 -14.47
C ILE A 70 0.55 -4.11 -15.15
N MET A 71 1.52 -3.21 -15.33
CA MET A 71 1.25 -1.82 -15.72
C MET A 71 1.58 -1.64 -17.20
N LEU A 72 0.55 -1.35 -17.99
CA LEU A 72 0.71 -0.95 -19.41
C LEU A 72 1.26 0.47 -19.46
N THR A 73 2.31 0.71 -20.24
CA THR A 73 2.97 2.03 -20.38
C THR A 73 2.93 2.55 -21.82
N SER A 74 2.69 1.70 -22.83
CA SER A 74 2.67 2.14 -24.24
C SER A 74 1.32 2.83 -24.51
N THR A 75 0.28 2.46 -23.78
CA THR A 75 -0.96 3.24 -23.61
C THR A 75 -1.06 3.67 -22.13
N PHE A 76 -1.56 4.89 -21.88
CA PHE A 76 -1.58 5.52 -20.54
C PHE A 76 -2.74 6.52 -20.43
N TYR A 77 -3.05 6.87 -19.18
CA TYR A 77 -3.97 7.97 -18.80
C TYR A 77 -3.12 9.14 -18.34
N SER A 78 -3.68 10.34 -18.42
CA SER A 78 -2.96 11.60 -18.11
C SER A 78 -3.86 12.52 -17.29
N LYS A 79 -3.24 13.32 -16.42
CA LYS A 79 -3.84 14.52 -15.82
C LYS A 79 -3.01 15.72 -16.29
N TYR A 80 -3.68 16.63 -16.96
CA TYR A 80 -3.09 17.84 -17.58
C TYR A 80 -3.39 19.05 -16.71
N PRO A 81 -2.55 20.08 -16.77
CA PRO A 81 -2.93 21.40 -16.26
C PRO A 81 -4.25 21.85 -16.92
N GLU A 82 -5.01 22.70 -16.25
CA GLU A 82 -6.36 23.14 -16.68
C GLU A 82 -6.26 23.68 -18.11
N GLY A 83 -7.26 23.40 -18.94
CA GLY A 83 -7.33 23.92 -20.32
C GLY A 83 -6.46 23.14 -21.31
N LYS A 84 -5.70 22.11 -20.89
CA LYS A 84 -4.84 21.30 -21.82
C LYS A 84 -5.58 20.02 -22.21
N THR A 85 -5.29 19.45 -23.38
CA THR A 85 -5.88 18.18 -23.88
C THR A 85 -4.75 17.31 -24.42
N ASN A 86 -5.08 16.08 -24.83
CA ASN A 86 -4.12 15.11 -25.39
C ASN A 86 -3.29 15.78 -26.51
N SER A 87 -3.96 16.53 -27.40
CA SER A 87 -3.34 17.08 -28.65
C SER A 87 -2.21 18.09 -28.31
N ASP A 88 -2.26 18.72 -27.13
CA ASP A 88 -1.22 19.67 -26.63
C ASP A 88 0.07 18.91 -26.31
N TYR A 89 0.01 17.58 -26.11
CA TYR A 89 1.19 16.72 -25.84
C TYR A 89 1.43 15.76 -27.03
N GLY A 90 0.65 15.93 -28.10
CA GLY A 90 0.71 15.08 -29.30
C GLY A 90 0.15 13.68 -29.09
N PHE A 91 -0.76 13.47 -28.12
CA PHE A 91 -1.22 12.12 -27.71
C PHE A 91 -2.56 11.82 -28.35
N THR A 92 -2.83 10.54 -28.59
CA THR A 92 -4.15 10.02 -29.04
C THR A 92 -4.97 9.63 -27.82
N ASP A 93 -6.25 9.34 -28.05
CA ASP A 93 -7.19 8.77 -27.06
C ASP A 93 -6.66 7.42 -26.55
N GLY A 94 -5.78 6.76 -27.33
CA GLY A 94 -5.11 5.50 -26.97
C GLY A 94 -5.47 4.38 -27.94
N THR A 95 -4.52 3.48 -28.24
CA THR A 95 -4.68 2.39 -29.24
C THR A 95 -5.42 1.19 -28.60
N ILE A 96 -5.49 1.10 -27.27
CA ILE A 96 -6.16 -0.03 -26.59
C ILE A 96 -6.88 0.51 -25.35
N THR A 97 -8.08 0.03 -25.06
CA THR A 97 -8.87 0.42 -23.86
C THR A 97 -8.41 -0.40 -22.64
N TYR A 98 -8.77 0.06 -21.42
CA TYR A 98 -8.54 -0.66 -20.14
C TYR A 98 -9.17 -2.05 -20.27
N ASN A 99 -10.42 -2.10 -20.76
CA ASN A 99 -11.17 -3.38 -20.77
C ASN A 99 -10.48 -4.34 -21.73
N GLU A 100 -10.06 -3.86 -22.90
CA GLU A 100 -9.33 -4.69 -23.90
C GLU A 100 -8.03 -5.21 -23.29
N TYR A 101 -7.31 -4.37 -22.55
CA TYR A 101 -6.01 -4.72 -21.91
C TYR A 101 -6.28 -5.80 -20.86
N LYS A 102 -7.33 -5.61 -20.11
CA LYS A 102 -7.68 -6.49 -18.99
C LYS A 102 -8.06 -7.89 -19.51
N ASN A 103 -8.76 -7.94 -20.66
CA ASN A 103 -9.11 -9.23 -21.31
C ASN A 103 -7.86 -9.92 -21.88
N LEU A 104 -6.89 -9.16 -22.41
CA LEU A 104 -5.61 -9.76 -22.88
C LEU A 104 -4.90 -10.39 -21.68
N ILE A 105 -4.85 -9.67 -20.55
CA ILE A 105 -4.15 -10.11 -19.30
C ILE A 105 -4.80 -11.40 -18.81
N LEU A 106 -6.12 -11.45 -18.82
CA LEU A 106 -6.91 -12.63 -18.36
C LEU A 106 -6.56 -13.86 -19.22
N THR A 107 -6.56 -13.71 -20.54
CA THR A 107 -6.15 -14.79 -21.47
C THR A 107 -4.72 -15.24 -21.09
N ALA A 108 -3.75 -14.34 -20.96
CA ALA A 108 -2.34 -14.72 -20.68
C ALA A 108 -2.29 -15.52 -19.38
N LEU A 109 -2.94 -15.02 -18.34
CA LEU A 109 -2.84 -15.62 -16.98
C LEU A 109 -3.57 -16.96 -16.97
N THR A 110 -4.70 -17.05 -17.67
CA THR A 110 -5.47 -18.30 -17.87
C THR A 110 -4.58 -19.36 -18.56
N ASN A 111 -3.97 -19.01 -19.68
CA ASN A 111 -3.10 -19.98 -20.43
C ASN A 111 -1.99 -20.46 -19.50
N LYS A 112 -1.46 -19.59 -18.67
CA LYS A 112 -0.30 -19.93 -17.81
C LYS A 112 -0.80 -20.79 -16.65
N PHE A 113 -1.92 -20.41 -16.04
CA PHE A 113 -2.26 -20.86 -14.65
C PHE A 113 -3.48 -21.80 -14.61
N GLY A 114 -4.38 -21.74 -15.60
CA GLY A 114 -5.62 -22.55 -15.64
C GLY A 114 -6.86 -21.77 -15.21
N THR A 115 -7.98 -21.95 -15.92
CA THR A 115 -9.23 -21.18 -15.71
C THR A 115 -9.71 -21.38 -14.27
N GLY A 116 -9.43 -22.56 -13.69
CA GLY A 116 -9.78 -22.92 -12.30
C GLY A 116 -9.00 -22.13 -11.27
N ASN A 117 -7.86 -21.54 -11.65
CA ASN A 117 -6.89 -20.93 -10.70
C ASN A 117 -6.80 -19.42 -10.93
N VAL A 118 -7.73 -18.87 -11.71
CA VAL A 118 -7.84 -17.41 -11.97
C VAL A 118 -9.25 -16.96 -11.60
N THR A 119 -9.37 -16.06 -10.61
CA THR A 119 -10.64 -15.48 -10.13
C THR A 119 -10.56 -13.97 -10.29
N VAL A 120 -11.48 -13.36 -11.03
CA VAL A 120 -11.55 -11.88 -11.12
C VAL A 120 -12.29 -11.34 -9.89
N GLY A 121 -11.59 -10.62 -9.01
CA GLY A 121 -12.16 -9.89 -7.85
C GLY A 121 -12.53 -8.47 -8.22
N ASN A 122 -12.92 -7.65 -7.24
CA ASN A 122 -13.42 -6.28 -7.50
C ASN A 122 -12.23 -5.44 -7.96
N LYS A 123 -11.04 -5.63 -7.36
CA LYS A 123 -9.88 -4.72 -7.59
C LYS A 123 -8.62 -5.51 -7.98
N SER A 124 -8.70 -6.81 -8.16
CA SER A 124 -7.56 -7.66 -8.55
C SER A 124 -8.02 -8.98 -9.15
N ILE A 125 -7.09 -9.64 -9.83
CA ILE A 125 -7.21 -11.02 -10.35
C ILE A 125 -6.38 -11.90 -9.44
N LYS A 126 -7.02 -12.81 -8.70
CA LYS A 126 -6.36 -13.72 -7.76
C LYS A 126 -5.86 -14.93 -8.56
N ILE A 127 -4.56 -15.21 -8.42
CA ILE A 127 -3.88 -16.43 -8.92
C ILE A 127 -3.65 -17.36 -7.73
N THR A 128 -4.24 -18.54 -7.78
CA THR A 128 -3.98 -19.68 -6.85
C THR A 128 -3.37 -20.82 -7.64
N SER A 129 -2.08 -20.74 -7.94
CA SER A 129 -1.31 -21.74 -8.73
C SER A 129 -0.34 -22.49 -7.81
N ASN A 130 -0.75 -23.66 -7.34
CA ASN A 130 0.16 -24.53 -6.56
C ASN A 130 1.24 -25.07 -7.52
N SER A 131 0.86 -25.31 -8.79
CA SER A 131 1.74 -25.80 -9.89
C SER A 131 3.04 -24.97 -9.96
N TYR A 132 2.91 -23.65 -10.04
CA TYR A 132 4.05 -22.71 -10.24
C TYR A 132 4.46 -22.08 -8.89
N ARG A 133 3.78 -22.46 -7.81
CA ARG A 133 3.96 -21.87 -6.45
C ARG A 133 3.70 -20.37 -6.52
N VAL A 134 2.64 -19.95 -7.20
CA VAL A 134 2.25 -18.52 -7.33
C VAL A 134 0.97 -18.31 -6.55
N GLU A 135 1.03 -17.48 -5.50
CA GLU A 135 -0.16 -17.01 -4.75
C GLU A 135 -0.10 -15.48 -4.74
N ALA A 136 -0.89 -14.83 -5.61
CA ALA A 136 -0.72 -13.40 -5.95
C ALA A 136 -2.06 -12.78 -6.36
N ASP A 137 -2.24 -11.53 -5.97
CA ASP A 137 -3.30 -10.63 -6.47
C ASP A 137 -2.63 -9.78 -7.55
N CYS A 138 -3.08 -9.92 -8.79
CA CYS A 138 -2.54 -9.16 -9.95
C CYS A 138 -3.47 -8.00 -10.23
N ILE A 139 -2.90 -6.80 -10.32
CA ILE A 139 -3.64 -5.55 -10.63
C ILE A 139 -3.20 -5.07 -12.00
N PRO A 140 -3.99 -5.35 -13.06
CA PRO A 140 -3.75 -4.77 -14.37
C PRO A 140 -4.06 -3.30 -14.24
N SER A 141 -3.15 -2.45 -14.69
CA SER A 141 -3.28 -0.99 -14.62
C SER A 141 -2.67 -0.39 -15.87
N LEU A 142 -3.05 0.83 -16.16
CA LEU A 142 -2.37 1.67 -17.16
C LEU A 142 -1.56 2.69 -16.39
N LEU A 143 -0.40 3.09 -16.91
CA LEU A 143 0.38 4.19 -16.31
C LEU A 143 -0.50 5.45 -16.27
N TYR A 144 -0.39 6.22 -15.18
CA TYR A 144 -1.07 7.52 -14.98
C TYR A 144 0.01 8.61 -14.96
N ARG A 145 0.07 9.41 -16.02
CA ARG A 145 0.99 10.56 -16.09
C ARG A 145 0.34 11.80 -15.47
N ASN A 146 0.82 12.20 -14.30
CA ASN A 146 0.29 13.41 -13.61
C ASN A 146 1.21 14.59 -13.98
N TYR A 147 0.76 15.38 -14.94
CA TYR A 147 1.46 16.61 -15.41
C TYR A 147 1.04 17.84 -14.57
N GLU A 148 -0.14 17.81 -13.98
CA GLU A 148 -0.74 18.94 -13.20
C GLU A 148 0.05 19.18 -11.90
N TYR A 149 0.48 18.12 -11.19
CA TYR A 149 1.06 18.23 -9.83
C TYR A 149 2.23 19.23 -9.82
N GLU A 150 3.14 19.18 -10.79
CA GLU A 150 4.35 20.04 -10.81
C GLU A 150 4.24 21.04 -11.98
N ASN A 151 3.09 21.08 -12.64
CA ASN A 151 2.80 21.98 -13.78
C ASN A 151 3.92 21.78 -14.81
N SER A 152 3.86 20.62 -15.49
CA SER A 152 4.74 20.27 -16.63
C SER A 152 3.98 20.45 -17.95
N SER A 153 4.62 21.09 -18.93
CA SER A 153 4.21 21.04 -20.35
C SER A 153 5.19 20.15 -21.14
N SER A 154 6.28 19.68 -20.50
CA SER A 154 7.29 18.70 -21.02
C SER A 154 6.69 17.30 -20.99
N PRO A 155 6.35 16.69 -22.14
CA PRO A 155 5.77 15.35 -22.16
C PRO A 155 6.57 14.31 -21.34
N ASN A 156 7.87 14.56 -21.09
CA ASN A 156 8.78 13.62 -20.39
C ASN A 156 8.78 13.85 -18.88
N ASN A 157 8.14 14.92 -18.42
CA ASN A 157 8.18 15.34 -17.00
C ASN A 157 6.78 15.21 -16.38
N TYR A 158 6.57 14.19 -15.54
CA TYR A 158 5.24 13.95 -14.90
C TYR A 158 5.46 13.12 -13.64
N ILE A 159 4.46 13.04 -12.77
CA ILE A 159 4.50 12.11 -11.62
C ILE A 159 3.87 10.81 -12.12
N GLU A 160 4.55 9.70 -11.90
CA GLU A 160 4.06 8.40 -12.40
C GLU A 160 3.15 7.75 -11.36
N GLY A 161 1.89 7.59 -11.68
CA GLY A 161 0.97 6.70 -10.97
C GLY A 161 0.44 5.60 -11.87
N ILE A 162 -0.62 4.95 -11.38
CA ILE A 162 -1.36 3.87 -12.05
C ILE A 162 -2.82 4.24 -12.01
N LYS A 163 -3.58 3.78 -12.98
CA LYS A 163 -5.06 3.94 -13.00
C LYS A 163 -5.65 2.65 -13.50
N TYR A 164 -6.69 2.16 -12.85
CA TYR A 164 -7.47 1.00 -13.31
C TYR A 164 -8.93 1.24 -12.92
N PHE A 165 -9.81 0.34 -13.34
CA PHE A 165 -11.24 0.36 -13.00
C PHE A 165 -11.54 -0.89 -12.16
N ALA A 166 -12.13 -0.73 -10.98
CA ALA A 166 -12.67 -1.86 -10.19
C ALA A 166 -13.70 -2.61 -11.05
N SER A 167 -14.15 -3.79 -10.61
CA SER A 167 -15.16 -4.61 -11.31
C SER A 167 -16.44 -3.78 -11.57
N ASP A 168 -16.82 -2.91 -10.63
CA ASP A 168 -17.99 -2.00 -10.77
C ASP A 168 -17.68 -0.78 -11.66
N ASN A 169 -16.47 -0.68 -12.22
CA ASN A 169 -16.08 0.37 -13.23
C ASN A 169 -15.88 1.74 -12.57
N THR A 170 -15.77 1.79 -11.25
CA THR A 170 -15.27 2.99 -10.52
C THR A 170 -13.76 3.09 -10.77
N SER A 171 -13.30 4.32 -10.92
CA SER A 171 -11.93 4.71 -11.31
C SER A 171 -11.07 4.60 -10.07
N VAL A 172 -9.88 4.00 -10.17
CA VAL A 172 -8.89 4.04 -9.05
C VAL A 172 -7.60 4.65 -9.58
N VAL A 173 -7.09 5.70 -8.92
CA VAL A 173 -5.77 6.28 -9.22
C VAL A 173 -4.90 6.16 -7.97
N ASN A 174 -3.73 5.53 -8.09
CA ASN A 174 -2.80 5.33 -6.96
C ASN A 174 -1.40 5.66 -7.43
N TYR A 175 -0.47 5.86 -6.51
CA TYR A 175 0.93 6.21 -6.82
C TYR A 175 1.83 5.24 -6.08
N PRO A 176 1.74 3.94 -6.37
CA PRO A 176 2.47 2.92 -5.62
C PRO A 176 3.98 3.11 -5.62
N LYS A 177 4.55 3.52 -6.76
CA LYS A 177 6.02 3.71 -6.87
C LYS A 177 6.45 4.89 -5.99
N VAL A 178 5.68 5.97 -5.99
CA VAL A 178 5.99 7.21 -5.19
C VAL A 178 5.83 6.89 -3.69
N HIS A 179 4.80 6.14 -3.34
CA HIS A 179 4.61 5.54 -2.00
C HIS A 179 5.90 4.81 -1.59
N ILE A 180 6.33 3.86 -2.40
CA ILE A 180 7.49 3.00 -2.05
C ILE A 180 8.70 3.90 -1.83
N ASN A 181 8.95 4.84 -2.74
CA ASN A 181 10.16 5.72 -2.68
C ASN A 181 10.09 6.56 -1.41
N ASN A 182 8.94 7.08 -1.06
CA ASN A 182 8.78 7.97 0.11
C ASN A 182 9.02 7.18 1.41
N GLY A 183 8.52 5.94 1.48
CA GLY A 183 8.74 5.05 2.64
C GLY A 183 10.19 4.63 2.82
N ILE A 184 10.90 4.34 1.74
CA ILE A 184 12.36 4.01 1.78
C ILE A 184 13.10 5.21 2.35
N GLU A 185 12.79 6.39 1.83
CA GLU A 185 13.41 7.66 2.29
C GLU A 185 13.19 7.81 3.82
N LYS A 186 11.98 7.63 4.32
CA LYS A 186 11.68 7.82 5.76
C LYS A 186 12.42 6.74 6.58
N ASN A 187 12.48 5.52 6.03
CA ASN A 187 13.20 4.40 6.65
C ASN A 187 14.68 4.75 6.74
N ASN A 188 15.23 5.41 5.72
CA ASN A 188 16.66 5.83 5.67
C ASN A 188 16.90 6.92 6.74
N GLN A 189 15.92 7.80 6.97
CA GLN A 189 16.07 8.91 7.92
C GLN A 189 15.85 8.45 9.37
N THR A 190 15.34 7.24 9.60
CA THR A 190 14.95 6.80 10.97
C THR A 190 15.75 5.55 11.35
N HIS A 191 16.85 5.28 10.65
CA HIS A 191 17.72 4.10 10.90
C HIS A 191 16.88 2.81 10.82
N LYS A 192 15.96 2.76 9.85
CA LYS A 192 15.07 1.59 9.54
C LYS A 192 14.01 1.35 10.63
N ASN A 193 13.80 2.29 11.54
CA ASN A 193 12.79 2.12 12.62
C ASN A 193 11.38 2.52 12.15
N TYR A 194 11.20 3.32 11.10
CA TYR A 194 9.87 3.69 10.55
C TYR A 194 9.08 2.42 10.21
N LYS A 195 9.68 1.51 9.43
CA LYS A 195 8.99 0.29 8.97
C LYS A 195 8.81 -0.67 10.15
N ARG A 196 9.77 -0.76 11.06
CA ARG A 196 9.61 -1.55 12.30
C ARG A 196 8.41 -1.02 13.08
N LEU A 197 8.24 0.29 13.14
CA LEU A 197 7.11 0.87 13.90
C LEU A 197 5.79 0.55 13.17
N VAL A 198 5.78 0.62 11.83
CA VAL A 198 4.57 0.25 11.04
C VAL A 198 4.19 -1.18 11.42
N ARG A 199 5.16 -2.09 11.39
CA ARG A 199 4.89 -3.54 11.62
C ARG A 199 4.36 -3.77 13.06
N VAL A 200 4.89 -3.11 14.10
CA VAL A 200 4.41 -3.41 15.48
C VAL A 200 2.99 -2.85 15.68
N ILE A 201 2.65 -1.72 15.09
CA ILE A 201 1.27 -1.15 15.20
C ILE A 201 0.30 -2.09 14.50
N LYS A 202 0.64 -2.61 13.34
CA LYS A 202 -0.27 -3.57 12.66
C LYS A 202 -0.47 -4.81 13.54
N ARG A 203 0.61 -5.34 14.10
CA ARG A 203 0.52 -6.56 14.95
C ARG A 203 -0.33 -6.29 16.20
N LEU A 204 -0.21 -5.10 16.78
CA LEU A 204 -0.99 -4.71 17.97
C LEU A 204 -2.46 -4.53 17.58
N ARG A 205 -2.76 -3.95 16.43
CA ARG A 205 -4.14 -3.88 15.95
C ARG A 205 -4.70 -5.30 15.89
N ASN A 206 -3.96 -6.26 15.29
CA ASN A 206 -4.40 -7.68 15.13
C ASN A 206 -4.63 -8.26 16.53
N LYS A 207 -3.71 -8.03 17.47
CA LYS A 207 -3.80 -8.60 18.83
C LYS A 207 -5.04 -8.05 19.54
N MET A 208 -5.27 -6.73 19.45
CA MET A 208 -6.43 -6.05 20.07
C MET A 208 -7.72 -6.67 19.58
N THR A 209 -7.82 -6.96 18.28
CA THR A 209 -9.00 -7.58 17.65
C THR A 209 -9.13 -9.02 18.17
N ALA A 210 -8.03 -9.79 18.16
CA ALA A 210 -8.01 -11.23 18.51
C ALA A 210 -8.52 -11.43 19.92
N GLU A 211 -8.12 -10.54 20.83
CA GLU A 211 -8.35 -10.68 22.28
C GLU A 211 -9.52 -9.81 22.69
N ASN A 212 -10.37 -9.44 21.70
CA ASN A 212 -11.73 -8.85 21.84
C ASN A 212 -11.66 -7.51 22.56
N HIS A 213 -10.58 -6.77 22.41
CA HIS A 213 -10.38 -5.45 23.06
C HIS A 213 -10.95 -4.34 22.17
N PHE A 214 -10.90 -4.52 20.84
CA PHE A 214 -11.21 -3.46 19.84
C PHE A 214 -11.32 -4.06 18.46
N THR A 215 -12.42 -3.81 17.76
CA THR A 215 -12.59 -4.14 16.33
C THR A 215 -13.19 -2.97 15.55
N ASN A 216 -12.50 -2.56 14.50
CA ASN A 216 -12.95 -1.50 13.57
C ASN A 216 -12.38 -1.84 12.20
N GLU A 217 -13.24 -2.32 11.29
CA GLU A 217 -12.84 -2.80 9.94
C GLU A 217 -12.26 -1.65 9.10
N ASN A 218 -12.53 -0.40 9.48
CA ASN A 218 -12.04 0.79 8.75
C ASN A 218 -10.58 1.10 9.12
N ILE A 219 -10.02 0.49 10.17
CA ILE A 219 -8.57 0.63 10.46
C ILE A 219 -7.81 -0.37 9.59
N THR A 220 -7.43 0.01 8.39
CA THR A 220 -6.79 -0.91 7.42
C THR A 220 -5.27 -0.91 7.59
N SER A 221 -4.59 -1.87 7.00
CA SER A 221 -3.10 -1.90 7.05
C SER A 221 -2.54 -0.66 6.35
N PHE A 222 -3.11 -0.29 5.21
CA PHE A 222 -2.67 0.88 4.41
C PHE A 222 -2.79 2.13 5.27
N LEU A 223 -3.90 2.28 6.00
CA LEU A 223 -4.11 3.45 6.87
C LEU A 223 -3.04 3.48 7.95
N ILE A 224 -2.69 2.34 8.51
CA ILE A 224 -1.71 2.33 9.61
C ILE A 224 -0.36 2.79 9.05
N GLU A 225 0.05 2.26 7.90
CA GLU A 225 1.33 2.63 7.27
C GLU A 225 1.37 4.16 7.07
N CYS A 226 0.29 4.73 6.54
CA CYS A 226 0.12 6.17 6.24
C CYS A 226 0.20 6.99 7.53
N LEU A 227 -0.43 6.50 8.61
CA LEU A 227 -0.47 7.25 9.89
C LEU A 227 0.96 7.31 10.42
N ILE A 228 1.69 6.18 10.42
CA ILE A 228 3.04 6.11 11.05
C ILE A 228 3.99 6.90 10.16
N TRP A 229 3.77 6.86 8.85
CA TRP A 229 4.55 7.71 7.93
C TRP A 229 4.41 9.21 8.31
N ASN A 230 3.28 9.63 8.87
CA ASN A 230 3.06 11.07 9.26
C ASN A 230 3.67 11.37 10.65
N VAL A 231 4.23 10.39 11.34
CA VAL A 231 4.86 10.64 12.68
C VAL A 231 6.23 11.28 12.43
N PRO A 232 6.48 12.51 12.93
CA PRO A 232 7.77 13.14 12.72
C PRO A 232 8.93 12.26 13.22
N ASN A 233 9.98 12.22 12.40
CA ASN A 233 11.22 11.43 12.60
C ASN A 233 11.76 11.54 14.04
N ASN A 234 11.61 12.68 14.72
CA ASN A 234 12.16 12.84 16.10
C ASN A 234 11.49 11.85 17.06
N TYR A 235 10.21 11.55 16.85
CA TYR A 235 9.45 10.59 17.72
C TYR A 235 9.98 9.18 17.55
N ILE A 236 10.64 8.90 16.43
CA ILE A 236 11.18 7.54 16.13
C ILE A 236 12.66 7.53 16.52
N ASN A 237 13.34 8.66 16.40
CA ASN A 237 14.83 8.73 16.52
C ASN A 237 15.26 9.04 17.96
N ASP A 238 14.42 9.71 18.75
CA ASP A 238 14.87 10.31 20.03
C ASP A 238 14.73 9.33 21.19
N TYR A 239 14.14 8.14 21.01
CA TYR A 239 13.78 7.26 22.15
C TYR A 239 14.52 5.94 21.99
N ASP A 240 14.83 5.28 23.11
CA ASP A 240 15.70 4.08 23.17
C ASP A 240 14.87 2.82 23.40
N THR A 241 13.55 2.93 23.37
CA THR A 241 12.64 1.75 23.54
C THR A 241 11.46 1.87 22.59
N TRP A 242 10.95 0.72 22.16
CA TRP A 242 9.66 0.59 21.44
C TRP A 242 8.52 1.00 22.36
N ASP A 243 8.60 0.63 23.65
CA ASP A 243 7.60 1.04 24.66
C ASP A 243 7.40 2.56 24.56
N GLU A 244 8.48 3.33 24.60
CA GLU A 244 8.42 4.81 24.62
C GLU A 244 8.07 5.34 23.21
N THR A 245 8.58 4.69 22.17
CA THR A 245 8.36 5.13 20.76
C THR A 245 6.86 5.04 20.49
N ILE A 246 6.23 3.97 20.92
CA ILE A 246 4.78 3.75 20.69
C ILE A 246 3.97 4.72 21.55
N LYS A 247 4.37 4.92 22.80
CA LYS A 247 3.73 5.89 23.70
C LYS A 247 3.68 7.28 23.03
N GLN A 248 4.80 7.75 22.47
CA GLN A 248 4.89 9.13 21.91
C GLN A 248 4.14 9.18 20.58
N THR A 249 4.11 8.06 19.86
CA THR A 249 3.37 7.93 18.59
C THR A 249 1.88 8.14 18.88
N LEU A 250 1.34 7.42 19.87
CA LEU A 250 -0.10 7.53 20.25
C LEU A 250 -0.42 8.96 20.69
N ILE A 251 0.45 9.57 21.48
CA ILE A 251 0.23 10.95 21.99
C ILE A 251 0.19 11.94 20.82
N PHE A 252 1.09 11.79 19.85
CA PHE A 252 1.22 12.70 18.68
C PHE A 252 -0.03 12.59 17.77
N ILE A 253 -0.43 11.38 17.46
CA ILE A 253 -1.60 11.14 16.57
C ILE A 253 -2.86 11.70 17.26
N LYS A 254 -3.06 11.37 18.54
CA LYS A 254 -4.20 11.93 19.30
C LYS A 254 -4.17 13.45 19.23
N SER A 255 -3.02 14.05 19.55
CA SER A 255 -2.83 15.52 19.53
C SER A 255 -3.17 16.08 18.15
N SER A 256 -2.81 15.36 17.08
CA SER A 256 -2.91 15.86 15.70
C SER A 256 -4.35 15.78 15.21
N ILE A 257 -5.14 14.82 15.70
CA ILE A 257 -6.61 14.79 15.43
C ILE A 257 -7.27 15.95 16.21
N ASN A 258 -6.92 16.12 17.49
CA ASN A 258 -7.56 17.13 18.37
C ASN A 258 -7.31 18.54 17.84
N ASP A 259 -6.15 18.82 17.23
CA ASP A 259 -5.76 20.21 16.85
C ASP A 259 -6.05 20.43 15.35
N ASN A 260 -6.63 19.44 14.66
CA ASN A 260 -7.07 19.49 13.23
C ASN A 260 -5.88 19.53 12.27
N SER A 261 -4.64 19.41 12.74
CA SER A 261 -3.48 19.37 11.81
C SER A 261 -3.55 18.09 10.95
N TYR A 262 -4.25 17.04 11.41
CA TYR A 262 -4.45 15.78 10.66
C TYR A 262 -5.03 16.10 9.28
N LYS A 263 -5.75 17.22 9.13
CA LYS A 263 -6.45 17.50 7.86
C LYS A 263 -5.44 17.73 6.74
N ASN A 264 -4.20 18.12 7.07
CA ASN A 264 -3.15 18.39 6.05
C ASN A 264 -2.33 17.14 5.77
N TRP A 265 -2.56 16.05 6.50
CA TRP A 265 -1.75 14.82 6.32
C TRP A 265 -2.05 14.22 4.96
N THR A 266 -1.01 13.78 4.27
CA THR A 266 -1.11 13.00 3.03
C THR A 266 -0.93 11.51 3.34
N GLU A 267 -1.35 10.68 2.41
CA GLU A 267 -0.86 9.30 2.28
C GLU A 267 0.64 9.36 2.00
N VAL A 268 1.31 8.21 2.07
CA VAL A 268 2.78 8.10 1.90
C VAL A 268 3.19 8.75 0.55
N SER A 269 2.44 8.58 -0.52
CA SER A 269 2.82 9.12 -1.86
C SER A 269 2.85 10.65 -1.85
N GLY A 270 2.17 11.32 -0.91
CA GLY A 270 2.06 12.78 -0.94
C GLY A 270 1.02 13.27 -1.95
N MET A 271 0.34 12.36 -2.66
CA MET A 271 -0.46 12.72 -3.88
C MET A 271 -1.96 12.77 -3.57
N PHE A 272 -2.38 12.35 -2.36
CA PHE A 272 -3.77 12.45 -1.87
C PHE A 272 -3.72 12.73 -0.37
N TYR A 273 -4.74 13.38 0.15
CA TYR A 273 -4.92 13.54 1.62
C TYR A 273 -5.35 12.20 2.25
N LEU A 274 -4.79 11.92 3.42
CA LEU A 274 -5.04 10.67 4.15
C LEU A 274 -6.50 10.64 4.58
N PHE A 275 -7.02 11.77 5.08
CA PHE A 275 -8.41 11.88 5.53
C PHE A 275 -9.19 12.70 4.49
N HIS A 276 -10.26 12.11 3.98
CA HIS A 276 -11.22 12.80 3.11
C HIS A 276 -12.49 11.98 3.06
N ASN A 277 -13.55 12.57 2.50
CA ASN A 277 -14.93 12.10 2.67
C ASN A 277 -15.16 10.79 1.88
N ASN A 278 -14.24 10.41 1.00
CA ASN A 278 -14.37 9.16 0.21
C ASN A 278 -13.39 8.08 0.70
N ARG A 279 -12.74 8.28 1.85
CA ARG A 279 -12.00 7.19 2.53
C ARG A 279 -12.99 6.34 3.32
N LYS A 280 -12.65 5.08 3.58
CA LYS A 280 -13.49 4.17 4.40
C LYS A 280 -13.45 4.63 5.86
N TRP A 281 -12.36 5.27 6.26
CA TRP A 281 -12.14 5.68 7.67
C TRP A 281 -12.52 7.15 7.84
N THR A 282 -12.74 7.54 9.10
CA THR A 282 -12.86 8.96 9.53
C THR A 282 -11.83 9.22 10.60
N SER A 283 -11.70 10.47 11.00
CA SER A 283 -10.84 10.89 12.12
C SER A 283 -11.36 10.31 13.44
N ASP A 284 -12.67 10.12 13.56
CA ASP A 284 -13.29 9.42 14.70
C ASP A 284 -12.80 7.98 14.77
N ASP A 285 -12.71 7.26 13.64
CA ASP A 285 -12.18 5.87 13.64
C ASP A 285 -10.74 5.87 14.17
N VAL A 286 -9.91 6.82 13.75
CA VAL A 286 -8.48 6.82 14.16
C VAL A 286 -8.38 7.21 15.64
N SER A 287 -9.15 8.19 16.08
CA SER A 287 -9.27 8.58 17.49
C SER A 287 -9.60 7.34 18.34
N SER A 288 -10.60 6.57 17.94
CA SER A 288 -11.02 5.35 18.67
C SER A 288 -9.88 4.35 18.71
N PHE A 289 -9.29 4.07 17.56
CA PHE A 289 -8.13 3.17 17.40
C PHE A 289 -7.00 3.55 18.36
N VAL A 290 -6.56 4.81 18.31
CA VAL A 290 -5.44 5.30 19.17
C VAL A 290 -5.84 5.18 20.64
N ASN A 291 -7.06 5.54 20.99
CA ASN A 291 -7.57 5.45 22.38
C ASN A 291 -7.58 3.99 22.84
N SER A 292 -8.05 3.05 22.01
CA SER A 292 -8.10 1.60 22.33
C SER A 292 -6.68 1.06 22.51
N LEU A 293 -5.76 1.48 21.66
CA LEU A 293 -4.35 1.03 21.76
C LEU A 293 -3.72 1.56 23.05
N TRP A 294 -3.90 2.84 23.34
CA TRP A 294 -3.47 3.45 24.62
C TRP A 294 -3.98 2.60 25.79
N SER A 295 -5.27 2.26 25.80
CA SER A 295 -5.89 1.48 26.90
C SER A 295 -5.35 0.04 26.90
N PHE A 296 -5.18 -0.56 25.73
CA PHE A 296 -4.72 -1.96 25.60
C PHE A 296 -3.30 -2.08 26.14
N MET A 297 -2.45 -1.13 25.80
CA MET A 297 -1.05 -1.11 26.21
C MET A 297 -0.88 -0.70 27.69
N GLU A 298 -1.94 -0.19 28.32
CA GLU A 298 -1.94 0.19 29.74
C GLU A 298 -0.81 1.18 29.97
N TYR A 299 -0.70 2.21 29.12
CA TYR A 299 0.27 3.31 29.32
C TYR A 299 -0.16 4.11 30.58
N LEU A 300 -1.46 4.14 30.87
CA LEU A 300 -1.93 4.41 32.26
C LEU A 300 -1.93 3.08 33.01
N GLU A 301 -0.92 2.90 33.85
CA GLU A 301 -0.72 1.67 34.63
C GLU A 301 -1.98 1.44 35.50
N HIS A 302 -2.43 0.20 35.56
CA HIS A 302 -3.59 -0.18 36.39
C HIS A 302 -3.23 0.03 37.86
N HIS A 303 -4.23 0.42 38.64
CA HIS A 303 -4.09 0.62 40.08
C HIS A 303 -3.34 -0.59 40.64
N HIS A 304 -2.26 -0.37 41.39
CA HIS A 304 -1.52 -1.45 42.11
C HIS A 304 -0.94 -2.46 41.10
N HIS A 305 -0.85 -2.10 39.81
CA HIS A 305 -0.39 -3.01 38.72
C HIS A 305 -1.34 -4.23 38.63
N HIS A 306 -2.61 -4.05 39.00
CA HIS A 306 -3.65 -5.11 39.08
C HIS A 306 -4.77 -4.80 38.05
N HIS A 307 -4.76 -5.52 36.92
CA HIS A 307 -5.61 -5.25 35.73
C HIS A 307 -7.05 -4.92 36.16
O01 NE0 B . -2.43 3.76 -2.94
C02 NE0 B . -3.30 3.18 -2.34
C03 NE0 B . -3.05 1.86 -1.91
C04 NE0 B . -4.07 1.18 -1.22
N05 NE0 B . -5.26 1.82 -0.98
C06 NE0 B . -6.28 1.24 -0.27
O07 NE0 B . -5.82 0.08 0.71
C08 NE0 B . -6.40 -1.03 0.34
C09 NE0 B . -5.42 -2.19 0.29
O10 NE0 B . -4.50 -1.98 -0.78
P11 NE0 B . -3.04 -2.78 -0.77
O12 NE0 B . -2.17 -2.32 -1.92
O13 NE0 B . -3.20 -4.30 -0.85
O14 NE0 B . -2.39 -2.32 0.67
P15 NE0 B . -1.45 -3.24 1.58
O16 NE0 B . -0.89 -4.44 0.81
O17 NE0 B . -0.36 -2.40 2.21
O18 NE0 B . -2.40 -3.73 2.77
P19 NE0 B . -3.03 -5.27 3.02
O20 NE0 B . -2.02 -5.83 3.98
O21 NE0 B . -3.04 -6.07 1.65
O22 NE0 B . -4.38 -4.88 3.59
C23 NE0 B . -6.96 -0.65 -1.19
O24 NE0 B . -7.92 -1.68 -1.64
C25 NE0 B . -7.43 0.58 -1.06
O26 NE0 B . -8.57 0.62 -0.10
P27 NE0 B . -10.07 0.58 -0.77
O28 NE0 B . -10.09 1.89 -1.56
O29 NE0 B . -10.07 -0.67 -1.67
O30 NE0 B . -11.18 0.40 0.25
C31 NE0 B . -5.44 3.10 -1.39
O32 NE0 B . -6.48 3.61 -1.16
N33 NE0 B . -4.50 3.77 -2.10
MG MG C . -2.12 -5.83 -0.15
#